data_8Y26
#
_entry.id   8Y26
#
_cell.length_a   47.000
_cell.length_b   85.768
_cell.length_c   58.421
_cell.angle_alpha   90.000
_cell.angle_beta   99.190
_cell.angle_gamma   90.000
#
_symmetry.space_group_name_H-M   'P 1 21 1'
#
loop_
_entity.id
_entity.type
_entity.pdbx_description
1 polymer Streptavidin
2 non-polymer 'DIMETHYL SULFOXIDE'
3 non-polymer 'dimethyl 5-(4-oxidanylidene-5~{H}-furo[3,2-c]pyridin-2-yl)benzene-1,3-dicarboxylate'
4 water water
#
_entity_poly.entity_id   1
_entity_poly.type   'polypeptide(L)'
_entity_poly.pdbx_seq_one_letter_code
;AGITGTWYNQLGSTFIVTAGADGALTGTYESAVGNAESRYVLTGRYDSAPATDGSGTALGWTVAWKNNYRNAHSATTWSG
QYVGGAEARINTQWLLTSGTTEANAWKSTLVGHDTFTKVKP
;
_entity_poly.pdbx_strand_id   A,B,C,D
#
loop_
_chem_comp.id
_chem_comp.type
_chem_comp.name
_chem_comp.formula
A1LXQ non-polymer 'dimethyl 5-(4-oxidanylidene-5~{H}-furo[3,2-c]pyridin-2-yl)benzene-1,3-dicarboxylate' 'C17 H13 N O6'
DMS non-polymer 'DIMETHYL SULFOXIDE' 'C2 H6 O S'
#
# COMPACT_ATOMS: atom_id res chain seq x y z
N ALA A 1 -24.40 19.69 3.41
CA ALA A 1 -23.21 19.36 2.63
C ALA A 1 -21.98 19.28 3.52
N GLY A 2 -21.21 18.22 3.35
CA GLY A 2 -20.03 17.99 4.16
C GLY A 2 -19.84 16.50 4.37
N ILE A 3 -18.92 16.18 5.28
CA ILE A 3 -18.57 14.79 5.53
C ILE A 3 -19.68 14.05 6.29
N THR A 4 -20.31 14.71 7.25
CA THR A 4 -21.37 14.07 8.02
C THR A 4 -22.48 13.56 7.12
N GLY A 5 -22.87 12.30 7.29
CA GLY A 5 -23.94 11.71 6.51
C GLY A 5 -23.79 10.20 6.39
N THR A 6 -24.61 9.64 5.51
CA THR A 6 -24.58 8.21 5.19
C THR A 6 -23.99 8.04 3.80
N TRP A 7 -22.98 7.19 3.69
CA TRP A 7 -22.22 6.98 2.47
C TRP A 7 -22.24 5.50 2.12
N TYR A 8 -22.05 5.19 0.84
CA TYR A 8 -21.96 3.81 0.36
C TYR A 8 -20.73 3.67 -0.50
N ASN A 9 -20.02 2.55 -0.36
CA ASN A 9 -18.90 2.31 -1.27
C ASN A 9 -19.35 1.56 -2.53
N GLN A 10 -18.39 1.29 -3.40
CA GLN A 10 -18.68 0.69 -4.71
C GLN A 10 -19.21 -0.74 -4.58
N LEU A 11 -19.03 -1.39 -3.43
CA LEU A 11 -19.53 -2.73 -3.20
C LEU A 11 -20.82 -2.75 -2.38
N GLY A 12 -21.32 -1.60 -1.97
CA GLY A 12 -22.55 -1.55 -1.18
C GLY A 12 -22.36 -1.56 0.32
N SER A 13 -21.13 -1.43 0.83
CA SER A 13 -20.94 -1.22 2.26
C SER A 13 -21.51 0.14 2.65
N THR A 14 -21.94 0.26 3.92
CA THR A 14 -22.61 1.46 4.43
C THR A 14 -21.77 2.11 5.52
N PHE A 15 -21.44 3.39 5.33
CA PHE A 15 -20.55 4.17 6.19
C PHE A 15 -21.37 5.34 6.74
N ILE A 16 -21.76 5.26 8.01
CA ILE A 16 -22.58 6.28 8.66
C ILE A 16 -21.68 7.07 9.60
N VAL A 17 -21.42 8.33 9.27
CA VAL A 17 -20.36 9.06 9.94
C VAL A 17 -20.86 10.44 10.38
N THR A 18 -20.29 10.91 11.49
CA THR A 18 -20.48 12.27 11.98
C THR A 18 -19.10 12.92 12.11
N ALA A 19 -18.94 14.11 11.53
CA ALA A 19 -17.70 14.87 11.58
C ALA A 19 -17.88 16.00 12.60
N GLY A 20 -17.24 15.86 13.76
CA GLY A 20 -17.42 16.82 14.83
C GLY A 20 -16.55 18.05 14.65
N ALA A 21 -16.93 19.12 15.35
CA ALA A 21 -16.22 20.39 15.22
C ALA A 21 -14.75 20.29 15.66
N ASP A 22 -14.43 19.30 16.51
CA ASP A 22 -13.08 19.12 17.04
C ASP A 22 -12.20 18.24 16.16
N GLY A 23 -12.65 17.85 14.97
CA GLY A 23 -11.88 16.98 14.10
C GLY A 23 -12.18 15.50 14.25
N ALA A 24 -13.15 15.13 15.08
CA ALA A 24 -13.46 13.73 15.33
C ALA A 24 -14.38 13.15 14.25
N LEU A 25 -14.09 11.92 13.83
CA LEU A 25 -15.05 11.10 13.10
C LEU A 25 -15.56 9.99 14.01
N THR A 26 -16.88 9.80 14.03
CA THR A 26 -17.51 8.73 14.79
C THR A 26 -18.64 8.15 13.96
N GLY A 27 -19.02 6.91 14.24
CA GLY A 27 -20.16 6.33 13.56
C GLY A 27 -20.06 4.83 13.45
N THR A 28 -20.69 4.28 12.41
CA THR A 28 -20.77 2.84 12.22
C THR A 28 -20.46 2.46 10.78
N TYR A 29 -19.97 1.23 10.61
CA TYR A 29 -19.65 0.68 9.30
C TYR A 29 -20.27 -0.70 9.17
N GLU A 30 -20.90 -0.96 8.03
CA GLU A 30 -21.46 -2.26 7.71
C GLU A 30 -20.81 -2.73 6.42
N SER A 31 -20.11 -3.87 6.47
CA SER A 31 -19.31 -4.35 5.35
C SER A 31 -20.12 -5.31 4.48
N ALA A 32 -20.06 -5.09 3.16
CA ALA A 32 -20.67 -6.02 2.22
C ALA A 32 -19.79 -7.25 1.95
N VAL A 33 -18.55 -7.27 2.44
CA VAL A 33 -17.62 -8.36 2.17
C VAL A 33 -17.01 -8.90 3.46
N GLY A 34 -16.55 -10.15 3.39
CA GLY A 34 -15.77 -10.74 4.46
C GLY A 34 -16.58 -11.32 5.61
N ASN A 35 -15.86 -11.68 6.66
CA ASN A 35 -16.43 -12.28 7.87
C ASN A 35 -16.98 -11.15 8.74
N ALA A 36 -18.17 -10.68 8.37
CA ALA A 36 -18.76 -9.49 8.96
C ALA A 36 -20.28 -9.59 8.88
N GLU A 37 -20.94 -9.04 9.90
CA GLU A 37 -22.39 -9.01 9.99
C GLU A 37 -22.78 -7.78 10.79
N SER A 38 -23.80 -7.06 10.32
CA SER A 38 -24.32 -5.90 11.04
C SER A 38 -23.31 -4.76 11.16
N ARG A 39 -23.53 -3.85 12.11
CA ARG A 39 -22.72 -2.64 12.24
C ARG A 39 -21.55 -2.84 13.19
N TYR A 40 -20.44 -2.17 12.86
CA TYR A 40 -19.24 -2.13 13.68
C TYR A 40 -18.92 -0.67 13.99
N VAL A 41 -18.34 -0.44 15.18
CA VAL A 41 -17.92 0.91 15.58
C VAL A 41 -16.76 1.37 14.72
N LEU A 42 -16.78 2.65 14.34
CA LEU A 42 -15.59 3.28 13.75
C LEU A 42 -15.25 4.57 14.51
N THR A 43 -13.97 4.90 14.52
CA THR A 43 -13.52 6.22 14.94
CA THR A 43 -13.49 6.22 14.97
C THR A 43 -12.35 6.66 14.06
N GLY A 44 -12.21 7.96 13.92
CA GLY A 44 -11.12 8.51 13.12
C GLY A 44 -11.01 10.01 13.30
N ARG A 45 -10.32 10.64 12.35
CA ARG A 45 -9.99 12.06 12.41
C ARG A 45 -10.09 12.66 11.01
N TYR A 46 -10.38 13.96 10.96
CA TYR A 46 -10.40 14.68 9.67
C TYR A 46 -9.90 16.10 9.89
N ASP A 47 -9.46 16.73 8.80
CA ASP A 47 -8.99 18.12 8.82
C ASP A 47 -10.20 19.05 8.92
N SER A 48 -10.39 19.68 10.08
CA SER A 48 -11.54 20.54 10.30
C SER A 48 -11.38 21.94 9.71
N ALA A 49 -10.24 22.27 9.12
CA ALA A 49 -10.00 23.57 8.51
C ALA A 49 -9.22 23.38 7.21
N PRO A 50 -9.84 22.77 6.20
CA PRO A 50 -9.11 22.45 4.97
C PRO A 50 -8.63 23.69 4.23
N ALA A 51 -7.72 23.46 3.29
CA ALA A 51 -7.21 24.54 2.46
C ALA A 51 -8.33 25.14 1.63
N THR A 52 -8.13 26.38 1.19
CA THR A 52 -9.12 27.10 0.41
C THR A 52 -8.71 27.24 -1.06
N ASP A 53 -7.90 26.31 -1.55
CA ASP A 53 -7.34 26.38 -2.90
C ASP A 53 -7.94 25.33 -3.84
N GLY A 54 -9.08 24.74 -3.48
CA GLY A 54 -9.66 23.70 -4.29
C GLY A 54 -9.28 22.29 -3.92
N SER A 55 -8.45 22.10 -2.89
CA SER A 55 -8.03 20.78 -2.46
C SER A 55 -9.15 20.08 -1.67
N GLY A 56 -9.10 18.75 -1.68
CA GLY A 56 -10.01 17.97 -0.85
C GLY A 56 -9.64 18.05 0.63
N THR A 57 -10.48 17.40 1.45
CA THR A 57 -10.33 17.40 2.90
C THR A 57 -9.78 16.04 3.36
N ALA A 58 -8.58 16.05 3.95
CA ALA A 58 -7.96 14.79 4.36
C ALA A 58 -8.67 14.18 5.57
N LEU A 59 -8.71 12.84 5.61
CA LEU A 59 -9.38 12.13 6.69
CA LEU A 59 -9.39 12.13 6.68
C LEU A 59 -8.92 10.69 6.75
N GLY A 60 -9.25 10.02 7.86
CA GLY A 60 -9.01 8.59 8.00
C GLY A 60 -9.83 8.02 9.13
N TRP A 61 -10.09 6.71 9.06
CA TRP A 61 -10.82 6.05 10.15
C TRP A 61 -10.46 4.58 10.22
N THR A 62 -10.79 3.96 11.36
CA THR A 62 -10.50 2.56 11.65
C THR A 62 -11.77 1.82 12.08
N VAL A 63 -11.91 0.58 11.61
CA VAL A 63 -12.88 -0.39 12.14
C VAL A 63 -12.09 -1.61 12.58
N ALA A 64 -12.25 -2.02 13.85
CA ALA A 64 -11.85 -3.34 14.29
C ALA A 64 -13.05 -4.27 14.13
N TRP A 65 -12.84 -5.42 13.49
CA TRP A 65 -13.95 -6.27 13.05
C TRP A 65 -14.47 -7.20 14.14
N LYS A 66 -14.78 -6.60 15.31
CA LYS A 66 -15.42 -7.27 16.44
C LYS A 66 -16.69 -6.51 16.77
N ASN A 67 -17.81 -7.23 16.87
CA ASN A 67 -19.05 -6.67 17.40
C ASN A 67 -19.71 -7.76 18.25
N ASN A 68 -21.00 -7.58 18.56
CA ASN A 68 -21.67 -8.57 19.40
C ASN A 68 -21.89 -9.89 18.68
N TYR A 69 -21.79 -9.91 17.36
CA TYR A 69 -22.13 -11.07 16.56
C TYR A 69 -20.91 -11.88 16.14
N ARG A 70 -19.82 -11.22 15.75
CA ARG A 70 -18.67 -11.89 15.16
C ARG A 70 -17.40 -11.17 15.57
N ASN A 71 -16.28 -11.89 15.45
CA ASN A 71 -14.95 -11.29 15.64
C ASN A 71 -13.99 -11.94 14.64
N ALA A 72 -13.59 -11.16 13.63
CA ALA A 72 -12.66 -11.63 12.60
C ALA A 72 -11.19 -11.49 13.00
N HIS A 73 -10.91 -10.91 14.17
CA HIS A 73 -9.53 -10.68 14.63
C HIS A 73 -8.71 -9.92 13.58
N SER A 74 -9.21 -8.74 13.22
CA SER A 74 -8.63 -7.95 12.15
C SER A 74 -9.15 -6.53 12.26
N ALA A 75 -8.50 -5.61 11.53
CA ALA A 75 -8.90 -4.20 11.54
C ALA A 75 -8.56 -3.57 10.20
N THR A 76 -9.45 -2.71 9.69
CA THR A 76 -9.21 -1.96 8.46
C THR A 76 -9.04 -0.48 8.81
N THR A 77 -8.05 0.17 8.17
CA THR A 77 -7.95 1.63 8.18
C THR A 77 -8.17 2.14 6.76
N TRP A 78 -9.00 3.17 6.63
CA TRP A 78 -9.18 3.89 5.36
C TRP A 78 -8.52 5.25 5.49
N SER A 79 -7.71 5.62 4.50
CA SER A 79 -7.03 6.90 4.43
C SER A 79 -7.42 7.58 3.11
N GLY A 80 -7.87 8.82 3.17
CA GLY A 80 -8.30 9.44 1.92
C GLY A 80 -8.68 10.89 2.05
N GLN A 81 -9.52 11.34 1.12
CA GLN A 81 -9.97 12.72 1.11
C GLN A 81 -11.40 12.85 0.61
N TYR A 82 -12.12 13.80 1.22
CA TYR A 82 -13.45 14.20 0.81
C TYR A 82 -13.34 15.26 -0.28
N VAL A 83 -14.11 15.09 -1.36
CA VAL A 83 -14.13 16.00 -2.51
C VAL A 83 -15.57 16.48 -2.66
N GLY A 84 -15.81 17.77 -2.40
CA GLY A 84 -17.15 18.31 -2.55
C GLY A 84 -17.54 18.47 -4.01
N GLY A 85 -18.84 18.66 -4.22
CA GLY A 85 -19.36 18.84 -5.56
C GLY A 85 -20.82 18.46 -5.63
N ALA A 86 -21.34 18.49 -6.87
CA ALA A 86 -22.72 18.04 -7.10
C ALA A 86 -22.86 16.55 -6.84
N GLU A 87 -21.79 15.79 -7.02
CA GLU A 87 -21.73 14.39 -6.63
C GLU A 87 -20.57 14.26 -5.65
N ALA A 88 -20.84 14.57 -4.38
CA ALA A 88 -19.81 14.49 -3.35
C ALA A 88 -19.26 13.07 -3.26
N ARG A 89 -17.97 12.98 -2.91
CA ARG A 89 -17.26 11.70 -2.96
C ARG A 89 -16.16 11.69 -1.90
N ILE A 90 -15.91 10.53 -1.34
CA ILE A 90 -14.74 10.30 -0.49
C ILE A 90 -13.91 9.20 -1.16
N ASN A 91 -12.68 9.53 -1.54
CA ASN A 91 -11.81 8.57 -2.20
C ASN A 91 -10.76 8.09 -1.22
N THR A 92 -10.63 6.77 -1.08
CA THR A 92 -9.75 6.20 -0.06
C THR A 92 -8.90 5.07 -0.61
N GLN A 93 -7.81 4.82 0.12
CA GLN A 93 -7.09 3.57 0.06
CA GLN A 93 -7.02 3.60 0.08
C GLN A 93 -7.12 2.97 1.46
N TRP A 94 -7.06 1.64 1.53
CA TRP A 94 -7.23 0.97 2.82
C TRP A 94 -6.22 -0.14 3.02
N LEU A 95 -5.98 -0.44 4.30
CA LEU A 95 -5.13 -1.54 4.77
C LEU A 95 -5.93 -2.36 5.77
N LEU A 96 -6.00 -3.67 5.55
CA LEU A 96 -6.75 -4.59 6.41
C LEU A 96 -5.74 -5.58 7.00
N THR A 97 -5.41 -5.41 8.29
CA THR A 97 -4.43 -6.26 8.96
C THR A 97 -5.13 -7.25 9.86
N SER A 98 -4.79 -8.53 9.73
CA SER A 98 -5.25 -9.58 10.63
C SER A 98 -4.22 -9.85 11.72
N GLY A 99 -4.69 -10.23 12.90
CA GLY A 99 -3.80 -10.77 13.91
C GLY A 99 -3.31 -12.14 13.48
N THR A 100 -1.99 -12.33 13.47
CA THR A 100 -1.37 -13.57 12.98
C THR A 100 -0.24 -13.98 13.92
N THR A 101 0.24 -15.20 13.73
CA THR A 101 1.53 -15.58 14.28
C THR A 101 2.65 -14.87 13.53
N GLU A 102 3.85 -14.88 14.11
CA GLU A 102 4.99 -14.27 13.44
C GLU A 102 5.29 -14.97 12.11
N ALA A 103 5.18 -16.29 12.08
CA ALA A 103 5.44 -17.03 10.83
C ALA A 103 4.50 -16.62 9.71
N ASN A 104 3.28 -16.19 10.04
CA ASN A 104 2.28 -15.83 9.05
C ASN A 104 2.16 -14.32 8.85
N ALA A 105 3.01 -13.54 9.51
CA ALA A 105 2.84 -12.08 9.49
C ALA A 105 3.10 -11.51 8.11
N TRP A 106 3.91 -12.17 7.29
CA TRP A 106 4.21 -11.64 5.96
C TRP A 106 2.94 -11.48 5.13
N LYS A 107 1.92 -12.29 5.37
CA LYS A 107 0.67 -12.25 4.63
C LYS A 107 -0.49 -11.71 5.48
N SER A 108 -0.19 -10.86 6.46
CA SER A 108 -1.19 -10.34 7.39
C SER A 108 -2.01 -9.17 6.84
N THR A 109 -1.60 -8.52 5.74
CA THR A 109 -2.18 -7.22 5.39
C THR A 109 -2.64 -7.19 3.93
N LEU A 110 -3.95 -7.00 3.73
CA LEU A 110 -4.54 -6.75 2.43
C LEU A 110 -4.60 -5.25 2.17
N VAL A 111 -4.56 -4.86 0.89
CA VAL A 111 -4.63 -3.46 0.46
C VAL A 111 -5.66 -3.31 -0.66
N GLY A 112 -6.36 -2.17 -0.65
CA GLY A 112 -7.29 -1.88 -1.73
C GLY A 112 -7.68 -0.42 -1.73
N HIS A 113 -8.72 -0.11 -2.50
CA HIS A 113 -9.20 1.26 -2.64
C HIS A 113 -10.72 1.26 -2.70
N ASP A 114 -11.35 2.14 -1.93
CA ASP A 114 -12.80 2.28 -1.88
C ASP A 114 -13.19 3.72 -2.19
N THR A 115 -14.23 3.90 -2.99
CA THR A 115 -14.79 5.22 -3.23
CA THR A 115 -14.80 5.22 -3.27
C THR A 115 -16.22 5.26 -2.72
N PHE A 116 -16.55 6.33 -1.99
CA PHE A 116 -17.83 6.46 -1.31
C PHE A 116 -18.63 7.61 -1.92
N THR A 117 -19.93 7.40 -2.08
CA THR A 117 -20.84 8.46 -2.49
C THR A 117 -22.04 8.47 -1.57
N LYS A 118 -22.69 9.64 -1.48
CA LYS A 118 -23.92 9.74 -0.69
C LYS A 118 -25.09 9.14 -1.44
N VAL A 119 -24.95 8.92 -2.75
CA VAL A 119 -25.92 8.17 -3.53
C VAL A 119 -25.37 6.76 -3.69
N LYS A 120 -26.20 5.78 -3.40
CA LYS A 120 -25.76 4.39 -3.49
C LYS A 120 -25.60 4.00 -4.97
N PRO A 121 -24.44 3.50 -5.39
CA PRO A 121 -24.26 3.11 -6.79
C PRO A 121 -25.02 1.82 -7.14
N ALA B 1 -4.43 -15.31 -24.58
CA ALA B 1 -4.07 -14.59 -23.35
C ALA B 1 -4.77 -13.23 -23.25
N GLY B 2 -4.97 -12.56 -24.39
CA GLY B 2 -5.69 -11.31 -24.46
C GLY B 2 -4.95 -10.09 -23.98
N ILE B 3 -3.70 -10.23 -23.55
CA ILE B 3 -2.97 -9.12 -22.96
C ILE B 3 -2.23 -8.29 -24.01
N THR B 4 -1.63 -8.93 -25.02
CA THR B 4 -0.86 -8.19 -26.01
C THR B 4 -1.72 -7.11 -26.66
N GLY B 5 -1.17 -5.90 -26.75
CA GLY B 5 -1.82 -4.81 -27.44
C GLY B 5 -1.67 -3.50 -26.71
N THR B 6 -2.50 -2.54 -27.10
CA THR B 6 -2.45 -1.18 -26.58
C THR B 6 -3.55 -0.98 -25.54
N TRP B 7 -3.18 -0.41 -24.40
CA TRP B 7 -4.08 -0.21 -23.27
C TRP B 7 -4.01 1.24 -22.84
N TYR B 8 -5.10 1.71 -22.24
CA TYR B 8 -5.27 3.10 -21.87
CA TYR B 8 -5.23 3.10 -21.83
C TYR B 8 -5.73 3.16 -20.41
N ASN B 9 -5.04 3.93 -19.57
CA ASN B 9 -5.49 4.11 -18.20
C ASN B 9 -6.50 5.24 -18.10
N GLN B 10 -6.91 5.55 -16.87
CA GLN B 10 -7.96 6.51 -16.62
C GLN B 10 -7.49 7.95 -16.71
N LEU B 11 -6.19 8.19 -16.84
CA LEU B 11 -5.62 9.54 -16.82
C LEU B 11 -4.87 9.88 -18.11
N GLY B 12 -5.04 9.11 -19.17
CA GLY B 12 -4.45 9.47 -20.44
C GLY B 12 -3.13 8.83 -20.77
N SER B 13 -2.62 7.94 -19.93
CA SER B 13 -1.39 7.23 -20.26
CA SER B 13 -1.39 7.23 -20.25
C SER B 13 -1.70 6.07 -21.20
N THR B 14 -0.68 5.67 -21.96
CA THR B 14 -0.79 4.59 -22.95
C THR B 14 0.24 3.51 -22.63
N PHE B 15 -0.22 2.27 -22.55
CA PHE B 15 0.54 1.11 -22.09
C PHE B 15 0.56 0.17 -23.29
N ILE B 16 1.72 0.03 -23.93
CA ILE B 16 1.85 -0.80 -25.13
C ILE B 16 2.67 -2.03 -24.77
N VAL B 17 2.06 -3.23 -24.87
CA VAL B 17 2.67 -4.43 -24.27
C VAL B 17 2.57 -5.63 -25.19
N THR B 18 3.59 -6.48 -25.14
CA THR B 18 3.54 -7.82 -25.73
C THR B 18 3.71 -8.85 -24.62
N ALA B 19 2.79 -9.81 -24.58
CA ALA B 19 2.84 -10.92 -23.63
C ALA B 19 3.46 -12.12 -24.36
N GLY B 20 4.72 -12.41 -24.06
CA GLY B 20 5.42 -13.47 -24.74
C GLY B 20 5.08 -14.85 -24.22
N ALA B 21 5.40 -15.86 -25.05
CA ALA B 21 5.04 -17.22 -24.72
C ALA B 21 5.71 -17.73 -23.44
N ASP B 22 6.84 -17.13 -23.05
CA ASP B 22 7.58 -17.55 -21.85
C ASP B 22 7.17 -16.82 -20.58
N GLY B 23 6.08 -16.04 -20.61
CA GLY B 23 5.66 -15.29 -19.45
C GLY B 23 6.17 -13.86 -19.38
N ALA B 24 6.90 -13.41 -20.41
CA ALA B 24 7.46 -12.06 -20.39
C ALA B 24 6.43 -11.01 -20.78
N LEU B 25 6.49 -9.86 -20.10
CA LEU B 25 5.85 -8.63 -20.58
C LEU B 25 6.96 -7.67 -21.01
N THR B 26 6.82 -7.11 -22.21
CA THR B 26 7.75 -6.12 -22.73
CA THR B 26 7.76 -6.17 -22.80
C THR B 26 6.96 -5.05 -23.46
N GLY B 27 7.51 -3.84 -23.50
CA GLY B 27 6.81 -2.80 -24.25
C GLY B 27 7.23 -1.40 -23.82
N THR B 28 6.31 -0.46 -24.00
CA THR B 28 6.58 0.95 -23.72
C THR B 28 5.40 1.57 -22.98
N TYR B 29 5.70 2.57 -22.16
CA TYR B 29 4.71 3.30 -21.39
C TYR B 29 4.86 4.78 -21.71
N GLU B 30 3.74 5.45 -22.00
CA GLU B 30 3.73 6.84 -22.45
C GLU B 30 2.82 7.69 -21.59
N SER B 31 3.29 8.89 -21.28
CA SER B 31 2.49 9.94 -20.64
C SER B 31 1.95 9.56 -19.27
N ASN B 35 6.81 13.90 -27.61
CA ASN B 35 6.10 12.66 -27.31
C ASN B 35 7.06 11.52 -27.04
N ALA B 36 8.08 11.36 -27.89
CA ALA B 36 9.15 10.42 -27.58
C ALA B 36 9.81 10.75 -26.25
N GLU B 37 9.83 12.04 -25.89
CA GLU B 37 10.39 12.48 -24.62
C GLU B 37 9.60 11.92 -23.44
N SER B 38 8.38 11.46 -23.67
CA SER B 38 7.53 10.93 -22.60
C SER B 38 7.30 9.43 -22.71
N ARG B 39 8.12 8.72 -23.48
CA ARG B 39 7.99 7.27 -23.65
C ARG B 39 9.13 6.55 -22.92
N TYR B 40 8.78 5.46 -22.22
CA TYR B 40 9.70 4.75 -21.35
C TYR B 40 9.57 3.25 -21.55
N VAL B 41 10.69 2.54 -21.38
CA VAL B 41 10.68 1.07 -21.44
C VAL B 41 9.95 0.48 -20.24
N LEU B 42 9.20 -0.60 -20.46
CA LEU B 42 8.68 -1.39 -19.37
C LEU B 42 9.02 -2.86 -19.56
N THR B 43 9.16 -3.57 -18.43
CA THR B 43 9.31 -5.02 -18.46
CA THR B 43 9.32 -5.02 -18.44
C THR B 43 8.60 -5.61 -17.23
N GLY B 44 8.09 -6.83 -17.40
CA GLY B 44 7.42 -7.50 -16.30
C GLY B 44 7.16 -8.96 -16.63
N ARG B 45 6.21 -9.55 -15.91
CA ARG B 45 5.90 -10.97 -16.00
C ARG B 45 4.40 -11.17 -15.81
N TYR B 46 3.87 -12.25 -16.39
CA TYR B 46 2.48 -12.62 -16.20
C TYR B 46 2.37 -14.14 -16.11
N ASP B 47 1.25 -14.61 -15.54
CA ASP B 47 0.93 -16.03 -15.47
C ASP B 47 0.53 -16.53 -16.87
N SER B 48 1.39 -17.34 -17.49
CA SER B 48 1.12 -17.83 -18.85
C SER B 48 0.17 -19.04 -18.87
N ALA B 49 -0.22 -19.55 -17.70
CA ALA B 49 -1.17 -20.67 -17.63
C ALA B 49 -2.23 -20.38 -16.57
N PRO B 50 -3.03 -19.34 -16.76
CA PRO B 50 -4.05 -19.00 -15.75
C PRO B 50 -5.14 -20.05 -15.67
N ALA B 51 -5.89 -19.98 -14.58
CA ALA B 51 -7.05 -20.85 -14.41
C ALA B 51 -8.12 -20.51 -15.45
N THR B 52 -8.95 -21.49 -15.77
CA THR B 52 -10.09 -21.30 -16.64
CA THR B 52 -10.09 -21.28 -16.64
C THR B 52 -11.39 -21.48 -15.85
N ASP B 53 -11.50 -20.73 -14.75
CA ASP B 53 -12.64 -20.83 -13.84
C ASP B 53 -13.30 -19.50 -13.57
N GLY B 54 -13.01 -18.47 -14.38
CA GLY B 54 -13.51 -17.13 -14.15
C GLY B 54 -12.54 -16.20 -13.43
N SER B 55 -11.40 -16.73 -12.97
CA SER B 55 -10.40 -15.90 -12.30
C SER B 55 -9.59 -15.09 -13.31
N GLY B 56 -9.09 -13.95 -12.86
CA GLY B 56 -8.21 -13.15 -13.69
C GLY B 56 -6.81 -13.74 -13.82
N THR B 57 -6.00 -13.09 -14.67
CA THR B 57 -4.63 -13.51 -14.94
C THR B 57 -3.68 -12.56 -14.21
N ALA B 58 -2.94 -13.10 -13.24
CA ALA B 58 -2.05 -12.25 -12.45
C ALA B 58 -0.86 -11.76 -13.27
N LEU B 59 -0.42 -10.52 -13.00
CA LEU B 59 0.69 -9.93 -13.75
CA LEU B 59 0.69 -9.94 -13.74
C LEU B 59 1.28 -8.76 -12.98
N GLY B 60 2.43 -8.28 -13.44
CA GLY B 60 3.04 -7.06 -12.93
C GLY B 60 4.11 -6.55 -13.87
N TRP B 61 4.39 -5.24 -13.78
CA TRP B 61 5.47 -4.67 -14.57
C TRP B 61 6.05 -3.44 -13.89
N THR B 62 7.23 -3.02 -14.37
CA THR B 62 7.99 -1.89 -13.84
C THR B 62 8.35 -0.93 -14.96
N VAL B 63 8.28 0.37 -14.67
CA VAL B 63 8.89 1.43 -15.47
C VAL B 63 9.85 2.20 -14.56
N ALA B 64 11.12 2.30 -14.97
CA ALA B 64 12.03 3.28 -14.38
C ALA B 64 11.95 4.54 -15.22
N TRP B 65 11.77 5.69 -14.56
CA TRP B 65 11.40 6.92 -15.27
C TRP B 65 12.62 7.66 -15.83
N LYS B 66 13.45 6.92 -16.56
CA LYS B 66 14.59 7.45 -17.29
C LYS B 66 14.44 7.05 -18.75
N ASN B 67 14.65 8.01 -19.65
CA ASN B 67 14.81 7.71 -21.07
C ASN B 67 16.00 8.52 -21.58
N ASN B 68 16.12 8.66 -22.90
CA ASN B 68 17.29 9.37 -23.43
C ASN B 68 17.19 10.87 -23.24
N TYR B 69 16.08 11.38 -22.74
CA TYR B 69 15.80 12.81 -22.67
C TYR B 69 15.62 13.34 -21.26
N ARG B 70 15.08 12.52 -20.34
CA ARG B 70 14.74 12.98 -19.00
C ARG B 70 15.00 11.85 -18.00
N ASN B 71 15.04 12.21 -16.72
CA ASN B 71 15.24 11.21 -15.67
C ASN B 71 14.66 11.75 -14.37
N ALA B 72 13.59 11.14 -13.88
CA ALA B 72 12.95 11.52 -12.62
C ALA B 72 13.55 10.83 -11.40
N HIS B 73 14.54 9.96 -11.58
CA HIS B 73 15.15 9.22 -10.47
C HIS B 73 14.08 8.53 -9.62
N SER B 74 13.26 7.72 -10.29
CA SER B 74 12.13 7.05 -9.65
C SER B 74 11.67 5.90 -10.52
N ALA B 75 10.83 5.03 -9.95
CA ALA B 75 10.34 3.87 -10.69
C ALA B 75 8.98 3.46 -10.13
N THR B 76 8.07 3.06 -11.03
CA THR B 76 6.75 2.58 -10.65
C THR B 76 6.63 1.08 -10.94
N THR B 77 6.02 0.35 -10.03
CA THR B 77 5.60 -1.03 -10.28
C THR B 77 4.07 -1.10 -10.22
N TRP B 78 3.47 -1.78 -11.20
CA TRP B 78 2.04 -2.07 -11.21
C TRP B 78 1.86 -3.56 -10.95
N SER B 79 0.97 -3.90 -10.01
CA SER B 79 0.64 -5.28 -9.66
C SER B 79 -0.87 -5.47 -9.84
N GLY B 80 -1.30 -6.49 -10.57
CA GLY B 80 -2.73 -6.60 -10.80
C GLY B 80 -3.13 -7.84 -11.53
N GLN B 81 -4.30 -7.76 -12.18
CA GLN B 81 -4.80 -8.88 -12.94
C GLN B 81 -5.54 -8.43 -14.19
N TYR B 82 -5.37 -9.22 -15.26
CA TYR B 82 -6.12 -9.04 -16.51
C TYR B 82 -7.44 -9.78 -16.40
N VAL B 83 -8.52 -9.11 -16.79
CA VAL B 83 -9.87 -9.67 -16.77
C VAL B 83 -10.40 -9.57 -18.20
N GLY B 84 -10.59 -10.71 -18.84
CA GLY B 84 -11.05 -10.74 -20.21
C GLY B 84 -12.55 -10.54 -20.33
N GLY B 85 -13.02 -10.51 -21.58
CA GLY B 85 -14.43 -10.41 -21.90
C GLY B 85 -14.71 -9.25 -22.81
N ALA B 86 -15.99 -8.94 -22.97
CA ALA B 86 -16.42 -7.89 -23.89
C ALA B 86 -15.89 -6.53 -23.49
N GLU B 87 -15.73 -6.29 -22.19
CA GLU B 87 -15.16 -5.06 -21.66
C GLU B 87 -13.93 -5.42 -20.85
N ALA B 88 -12.89 -5.84 -21.54
CA ALA B 88 -11.67 -6.34 -20.91
C ALA B 88 -10.98 -5.22 -20.13
N ARG B 89 -10.28 -5.61 -19.05
CA ARG B 89 -9.63 -4.64 -18.19
C ARG B 89 -8.32 -5.23 -17.68
N ILE B 90 -7.38 -4.35 -17.35
CA ILE B 90 -6.26 -4.71 -16.47
C ILE B 90 -6.40 -3.84 -15.23
N ASN B 91 -6.67 -4.47 -14.08
CA ASN B 91 -6.94 -3.74 -12.84
C ASN B 91 -5.70 -3.83 -11.96
N THR B 92 -5.14 -2.68 -11.58
CA THR B 92 -3.85 -2.65 -10.89
C THR B 92 -3.86 -1.75 -9.67
N GLN B 93 -2.91 -2.05 -8.77
CA GLN B 93 -2.44 -1.12 -7.75
C GLN B 93 -0.95 -0.92 -8.01
N TRP B 94 -0.44 0.27 -7.65
CA TRP B 94 0.93 0.62 -7.99
C TRP B 94 1.68 1.23 -6.82
N LEU B 95 3.01 1.11 -6.88
CA LEU B 95 3.94 1.74 -5.95
C LEU B 95 4.97 2.52 -6.76
N LEU B 96 5.20 3.78 -6.38
CA LEU B 96 6.15 4.66 -7.07
C LEU B 96 7.20 5.11 -6.06
N THR B 97 8.41 4.56 -6.16
CA THR B 97 9.51 4.88 -5.25
C THR B 97 10.49 5.82 -5.90
N SER B 98 10.85 6.90 -5.20
CA SER B 98 11.89 7.82 -5.62
C SER B 98 13.20 7.49 -4.92
N GLY B 99 14.31 7.73 -5.61
CA GLY B 99 15.61 7.71 -4.96
C GLY B 99 15.74 8.91 -4.03
N THR B 100 16.04 8.66 -2.76
CA THR B 100 16.10 9.71 -1.75
C THR B 100 17.34 9.51 -0.88
N THR B 101 17.62 10.52 -0.05
CA THR B 101 18.55 10.32 1.05
C THR B 101 17.86 9.49 2.14
N GLU B 102 18.67 8.98 3.07
CA GLU B 102 18.09 8.21 4.18
CA GLU B 102 18.09 8.21 4.18
C GLU B 102 17.14 9.07 5.00
N ALA B 103 17.48 10.34 5.22
CA ALA B 103 16.62 11.20 6.03
C ALA B 103 15.24 11.39 5.40
N ASN B 104 15.14 11.30 4.07
CA ASN B 104 13.88 11.49 3.37
C ASN B 104 13.24 10.18 2.92
N ALA B 105 13.81 9.03 3.32
CA ALA B 105 13.32 7.76 2.79
C ALA B 105 11.92 7.43 3.29
N TRP B 106 11.55 7.92 4.48
CA TRP B 106 10.22 7.62 5.03
C TRP B 106 9.10 8.07 4.10
N LYS B 107 9.36 9.10 3.28
CA LYS B 107 8.35 9.61 2.34
C LYS B 107 8.74 9.33 0.88
N SER B 108 9.46 8.24 0.64
CA SER B 108 9.95 7.90 -0.70
C SER B 108 8.92 7.23 -1.61
N THR B 109 7.79 6.74 -1.09
CA THR B 109 6.94 5.84 -1.85
C THR B 109 5.49 6.31 -1.89
N LEU B 110 4.98 6.56 -3.09
CA LEU B 110 3.56 6.81 -3.32
C LEU B 110 2.84 5.51 -3.67
N VAL B 111 1.55 5.46 -3.35
CA VAL B 111 0.72 4.30 -3.68
C VAL B 111 -0.56 4.78 -4.37
N GLY B 112 -1.05 3.98 -5.32
CA GLY B 112 -2.30 4.30 -5.96
C GLY B 112 -2.83 3.14 -6.77
N HIS B 113 -3.77 3.44 -7.67
CA HIS B 113 -4.40 2.40 -8.49
C HIS B 113 -4.66 2.94 -9.89
N ASP B 114 -4.51 2.06 -10.88
CA ASP B 114 -4.79 2.36 -12.28
CA ASP B 114 -4.77 2.35 -12.29
C ASP B 114 -5.66 1.26 -12.86
N THR B 115 -6.65 1.65 -13.66
CA THR B 115 -7.48 0.72 -14.42
C THR B 115 -7.23 0.96 -15.91
N PHE B 116 -6.92 -0.11 -16.64
CA PHE B 116 -6.61 -0.01 -18.07
C PHE B 116 -7.73 -0.65 -18.91
N THR B 117 -8.05 -0.01 -20.03
CA THR B 117 -9.08 -0.47 -20.95
CA THR B 117 -9.09 -0.45 -20.95
C THR B 117 -8.49 -0.55 -22.36
N LYS B 118 -9.10 -1.39 -23.21
CA LYS B 118 -8.66 -1.55 -24.60
C LYS B 118 -9.19 -0.43 -25.50
N VAL B 119 -10.13 0.36 -24.99
CA VAL B 119 -10.64 1.55 -25.66
C VAL B 119 -10.28 2.74 -24.78
N LYS B 120 -9.86 3.84 -25.41
CA LYS B 120 -9.49 5.02 -24.64
C LYS B 120 -10.73 5.79 -24.19
N GLY C 2 27.59 -2.62 -7.14
CA GLY C 2 26.28 -2.01 -7.30
C GLY C 2 25.12 -2.95 -7.04
N ILE C 3 24.15 -2.93 -7.95
CA ILE C 3 22.95 -3.74 -7.80
C ILE C 3 23.20 -5.20 -8.15
N THR C 4 24.01 -5.46 -9.18
CA THR C 4 24.28 -6.83 -9.61
C THR C 4 24.87 -7.64 -8.46
N GLY C 5 24.29 -8.81 -8.21
CA GLY C 5 24.81 -9.70 -7.18
C GLY C 5 23.71 -10.58 -6.62
N THR C 6 24.04 -11.24 -5.51
CA THR C 6 23.11 -12.11 -4.81
C THR C 6 22.72 -11.43 -3.49
N TRP C 7 21.41 -11.28 -3.28
CA TRP C 7 20.84 -10.60 -2.13
C TRP C 7 19.90 -11.55 -1.39
N TYR C 8 19.68 -11.26 -0.12
CA TYR C 8 18.80 -12.04 0.74
C TYR C 8 17.86 -11.10 1.47
N ASN C 9 16.57 -11.45 1.52
CA ASN C 9 15.64 -10.64 2.31
C ASN C 9 15.67 -11.07 3.78
N GLN C 10 14.87 -10.37 4.59
CA GLN C 10 14.87 -10.58 6.03
C GLN C 10 14.34 -11.95 6.42
N LEU C 11 13.63 -12.62 5.52
CA LEU C 11 13.11 -13.96 5.74
C LEU C 11 13.94 -15.05 5.07
N GLY C 12 15.04 -14.68 4.41
CA GLY C 12 15.91 -15.66 3.79
C GLY C 12 15.64 -15.98 2.34
N SER C 13 14.71 -15.28 1.68
CA SER C 13 14.55 -15.45 0.23
C SER C 13 15.83 -15.00 -0.48
N THR C 14 16.11 -15.60 -1.64
CA THR C 14 17.34 -15.33 -2.39
C THR C 14 17.01 -14.65 -3.72
N PHE C 15 17.61 -13.49 -3.94
CA PHE C 15 17.36 -12.60 -5.08
C PHE C 15 18.68 -12.49 -5.85
N ILE C 16 18.78 -13.16 -6.99
CA ILE C 16 20.00 -13.19 -7.80
C ILE C 16 19.74 -12.32 -9.03
N VAL C 17 20.41 -11.17 -9.12
CA VAL C 17 20.01 -10.15 -10.07
C VAL C 17 21.23 -9.64 -10.83
N THR C 18 21.00 -9.27 -12.09
CA THR C 18 21.98 -8.56 -12.90
C THR C 18 21.36 -7.26 -13.38
N ALA C 19 22.10 -6.17 -13.21
CA ALA C 19 21.68 -4.84 -13.65
C ALA C 19 22.45 -4.50 -14.92
N GLY C 20 21.74 -4.49 -16.04
CA GLY C 20 22.39 -4.30 -17.32
C GLY C 20 22.54 -2.84 -17.69
N ALA C 21 23.36 -2.60 -18.72
CA ALA C 21 23.69 -1.24 -19.12
C ALA C 21 22.46 -0.45 -19.57
N ASP C 22 21.40 -1.14 -20.02
CA ASP C 22 20.23 -0.48 -20.57
C ASP C 22 19.13 -0.21 -19.55
N GLY C 23 19.40 -0.37 -18.25
CA GLY C 23 18.37 -0.24 -17.24
C GLY C 23 17.62 -1.51 -16.91
N ALA C 24 18.02 -2.65 -17.47
CA ALA C 24 17.31 -3.91 -17.26
C ALA C 24 17.74 -4.59 -15.96
N LEU C 25 16.77 -5.15 -15.25
CA LEU C 25 17.03 -6.13 -14.20
C LEU C 25 16.56 -7.49 -14.69
N THR C 26 17.42 -8.50 -14.52
CA THR C 26 17.10 -9.88 -14.89
C THR C 26 17.65 -10.81 -13.81
N GLY C 27 17.07 -11.99 -13.70
CA GLY C 27 17.63 -12.95 -12.74
C GLY C 27 16.56 -13.91 -12.23
N THR C 28 16.80 -14.40 -11.01
CA THR C 28 15.94 -15.42 -10.39
C THR C 28 15.63 -15.04 -8.95
N TYR C 29 14.48 -15.51 -8.48
CA TYR C 29 14.04 -15.29 -7.11
C TYR C 29 13.62 -16.64 -6.53
N GLU C 30 14.05 -16.91 -5.30
CA GLU C 30 13.63 -18.09 -4.55
CA GLU C 30 13.61 -18.09 -4.57
C GLU C 30 12.98 -17.60 -3.28
N SER C 31 11.69 -17.86 -3.13
CA SER C 31 10.92 -17.34 -2.00
C SER C 31 11.03 -18.25 -0.79
N ALA C 32 11.18 -17.64 0.38
CA ALA C 32 11.18 -18.36 1.64
C ALA C 32 9.79 -18.58 2.20
N VAL C 33 8.75 -18.02 1.57
CA VAL C 33 7.38 -18.12 2.07
C VAL C 33 6.42 -18.39 0.91
N GLY C 34 5.24 -18.89 1.25
CA GLY C 34 4.15 -19.00 0.31
C GLY C 34 4.17 -20.27 -0.52
N ASN C 35 3.22 -20.32 -1.46
CA ASN C 35 3.06 -21.44 -2.39
C ASN C 35 4.13 -21.34 -3.48
N ALA C 36 5.38 -21.56 -3.06
CA ALA C 36 6.52 -21.36 -3.94
C ALA C 36 7.59 -22.41 -3.64
N GLU C 37 8.30 -22.81 -4.68
CA GLU C 37 9.37 -23.79 -4.55
C GLU C 37 10.32 -23.60 -5.72
N SER C 38 11.62 -23.72 -5.44
CA SER C 38 12.67 -23.53 -6.44
C SER C 38 12.70 -22.10 -6.96
N ARG C 39 13.45 -21.88 -8.04
CA ARG C 39 13.65 -20.54 -8.57
C ARG C 39 12.51 -20.15 -9.50
N TYR C 40 12.23 -18.85 -9.55
CA TYR C 40 11.30 -18.26 -10.50
C TYR C 40 12.02 -17.14 -11.24
N VAL C 41 11.62 -16.92 -12.50
CA VAL C 41 12.16 -15.82 -13.30
C VAL C 41 11.69 -14.48 -12.74
N LEU C 42 12.58 -13.49 -12.74
CA LEU C 42 12.19 -12.11 -12.48
C LEU C 42 12.71 -11.20 -13.59
N THR C 43 11.98 -10.11 -13.83
CA THR C 43 12.46 -9.03 -14.68
CA THR C 43 12.43 -9.03 -14.70
C THR C 43 11.98 -7.71 -14.12
N GLY C 44 12.77 -6.67 -14.37
CA GLY C 44 12.43 -5.34 -13.88
C GLY C 44 13.31 -4.28 -14.50
N ARG C 45 13.34 -3.11 -13.85
CA ARG C 45 14.03 -1.93 -14.36
C ARG C 45 14.65 -1.17 -13.20
N TYR C 46 15.72 -0.43 -13.48
CA TYR C 46 16.35 0.42 -12.48
C TYR C 46 16.85 1.69 -13.16
N ASP C 47 17.07 2.74 -12.36
CA ASP C 47 17.63 4.00 -12.86
C ASP C 47 19.13 3.81 -13.10
N SER C 48 19.53 3.77 -14.37
CA SER C 48 20.92 3.54 -14.74
C SER C 48 21.81 4.78 -14.63
N ALA C 49 21.25 5.93 -14.27
CA ALA C 49 22.03 7.16 -14.07
C ALA C 49 21.48 7.92 -12.88
N PRO C 50 21.70 7.40 -11.67
CA PRO C 50 21.12 8.02 -10.48
C PRO C 50 21.74 9.38 -10.21
N ALA C 51 21.08 10.11 -9.31
CA ALA C 51 21.61 11.38 -8.85
C ALA C 51 22.97 11.18 -8.17
N THR C 52 23.73 12.27 -8.11
CA THR C 52 25.06 12.28 -7.50
C THR C 52 25.09 13.15 -6.24
N ASP C 53 24.00 13.11 -5.47
CA ASP C 53 23.84 13.93 -4.27
C ASP C 53 23.66 13.07 -3.01
N GLY C 54 23.95 11.77 -3.09
CA GLY C 54 23.75 10.86 -1.98
C GLY C 54 22.43 10.12 -1.98
N SER C 55 21.56 10.38 -2.94
CA SER C 55 20.28 9.70 -3.03
C SER C 55 20.47 8.25 -3.49
N GLY C 56 19.50 7.40 -3.13
CA GLY C 56 19.51 6.02 -3.57
C GLY C 56 19.12 5.89 -5.03
N THR C 57 19.19 4.66 -5.53
CA THR C 57 18.88 4.32 -6.92
C THR C 57 17.53 3.62 -6.98
N ALA C 58 16.55 4.23 -7.66
CA ALA C 58 15.22 3.64 -7.73
C ALA C 58 15.19 2.42 -8.64
N LEU C 59 14.36 1.43 -8.28
CA LEU C 59 14.27 0.20 -9.03
CA LEU C 59 14.27 0.20 -9.04
C LEU C 59 12.95 -0.50 -8.73
N GLY C 60 12.62 -1.50 -9.55
CA GLY C 60 11.48 -2.37 -9.30
C GLY C 60 11.60 -3.66 -10.10
N TRP C 61 10.93 -4.71 -9.63
CA TRP C 61 10.90 -5.95 -10.41
C TRP C 61 9.66 -6.76 -10.09
N THR C 62 9.36 -7.75 -10.96
CA THR C 62 8.18 -8.61 -10.84
C THR C 62 8.59 -10.08 -10.91
N VAL C 63 7.92 -10.90 -10.10
CA VAL C 63 7.93 -12.37 -10.23
C VAL C 63 6.48 -12.83 -10.39
N ALA C 64 6.20 -13.57 -11.48
CA ALA C 64 4.97 -14.35 -11.57
C ALA C 64 5.26 -15.74 -11.01
N TRP C 65 4.40 -16.21 -10.10
CA TRP C 65 4.69 -17.41 -9.32
C TRP C 65 4.34 -18.70 -10.07
N LYS C 66 4.85 -18.81 -11.29
CA LYS C 66 4.76 -20.01 -12.12
C LYS C 66 6.16 -20.43 -12.51
N ASN C 67 6.48 -21.71 -12.31
CA ASN C 67 7.70 -22.31 -12.85
C ASN C 67 7.35 -23.73 -13.28
N ASN C 68 8.38 -24.54 -13.53
CA ASN C 68 8.11 -25.89 -14.02
C ASN C 68 7.56 -26.83 -12.95
N TYR C 69 7.49 -26.39 -11.69
CA TYR C 69 7.07 -27.24 -10.59
C TYR C 69 5.75 -26.81 -9.95
N ARG C 70 5.42 -25.53 -9.97
CA ARG C 70 4.23 -25.03 -9.30
C ARG C 70 3.67 -23.84 -10.08
N ASN C 71 2.38 -23.55 -9.84
CA ASN C 71 1.76 -22.31 -10.30
C ASN C 71 0.76 -21.86 -9.26
N ALA C 72 1.04 -20.73 -8.61
CA ALA C 72 0.16 -20.18 -7.60
C ALA C 72 -0.86 -19.19 -8.17
N HIS C 73 -0.79 -18.91 -9.48
CA HIS C 73 -1.70 -17.96 -10.14
C HIS C 73 -1.68 -16.60 -9.42
N SER C 74 -0.49 -16.02 -9.33
CA SER C 74 -0.25 -14.80 -8.58
C SER C 74 1.06 -14.18 -9.03
N ALA C 75 1.28 -12.91 -8.66
CA ALA C 75 2.50 -12.21 -9.02
C ALA C 75 2.82 -11.17 -7.96
N THR C 76 4.11 -11.01 -7.64
CA THR C 76 4.58 -9.97 -6.72
C THR C 76 5.40 -8.93 -7.47
N THR C 77 5.19 -7.65 -7.16
CA THR C 77 6.09 -6.58 -7.58
C THR C 77 6.75 -5.96 -6.35
N TRP C 78 8.06 -5.75 -6.44
CA TRP C 78 8.81 -5.02 -5.42
C TRP C 78 9.21 -3.66 -5.99
N SER C 79 8.99 -2.59 -5.23
CA SER C 79 9.35 -1.23 -5.62
C SER C 79 10.22 -0.65 -4.52
N GLY C 80 11.38 -0.09 -4.86
CA GLY C 80 12.26 0.35 -3.80
C GLY C 80 13.45 1.13 -4.30
N GLN C 81 14.48 1.18 -3.47
CA GLN C 81 15.72 1.84 -3.84
C GLN C 81 16.92 1.11 -3.26
N TYR C 82 18.00 1.11 -4.05
CA TYR C 82 19.29 0.58 -3.64
C TYR C 82 20.06 1.70 -2.96
N VAL C 83 20.65 1.39 -1.81
CA VAL C 83 21.42 2.33 -1.02
C VAL C 83 22.81 1.74 -0.88
N GLY C 84 23.79 2.34 -1.55
CA GLY C 84 25.14 1.84 -1.54
C GLY C 84 25.86 2.19 -0.25
N GLY C 85 27.10 1.74 -0.16
CA GLY C 85 27.93 2.09 0.97
C GLY C 85 28.52 0.87 1.61
N ALA C 86 28.92 1.05 2.87
CA ALA C 86 29.61 0.00 3.63
C ALA C 86 28.85 -1.33 3.56
N GLU C 87 27.62 -1.34 4.07
CA GLU C 87 26.74 -2.51 3.93
C GLU C 87 25.62 -2.09 2.99
N ALA C 88 25.72 -2.50 1.74
CA ALA C 88 24.71 -2.15 0.75
C ALA C 88 23.38 -2.80 1.12
N ARG C 89 22.29 -2.14 0.70
CA ARG C 89 20.96 -2.56 1.07
C ARG C 89 20.02 -2.17 -0.06
N ILE C 90 18.98 -3.00 -0.27
CA ILE C 90 17.85 -2.62 -1.12
C ILE C 90 16.61 -2.64 -0.25
N ASN C 91 15.97 -1.49 -0.10
CA ASN C 91 14.77 -1.37 0.72
C ASN C 91 13.56 -1.28 -0.19
N THR C 92 12.56 -2.15 0.05
CA THR C 92 11.42 -2.25 -0.85
C THR C 92 10.10 -2.32 -0.09
N GLN C 93 9.05 -1.96 -0.82
CA GLN C 93 7.69 -2.35 -0.49
CA GLN C 93 7.66 -2.28 -0.52
C GLN C 93 7.15 -3.18 -1.64
N TRP C 94 6.22 -4.08 -1.35
CA TRP C 94 5.75 -5.02 -2.36
C TRP C 94 4.23 -5.16 -2.35
N LEU C 95 3.72 -5.57 -3.52
CA LEU C 95 2.32 -5.90 -3.73
C LEU C 95 2.23 -7.28 -4.37
N LEU C 96 1.39 -8.14 -3.81
CA LEU C 96 1.24 -9.52 -4.26
C LEU C 96 -0.22 -9.74 -4.65
N THR C 97 -0.50 -9.80 -5.95
CA THR C 97 -1.86 -9.93 -6.46
C THR C 97 -2.11 -11.36 -6.94
N SER C 98 -3.20 -11.96 -6.49
CA SER C 98 -3.65 -13.25 -7.00
C SER C 98 -4.75 -13.06 -8.04
N GLY C 99 -4.79 -13.95 -9.02
CA GLY C 99 -5.95 -14.00 -9.91
C GLY C 99 -7.18 -14.42 -9.14
N THR C 100 -8.27 -13.66 -9.27
CA THR C 100 -9.51 -13.93 -8.55
C THR C 100 -10.70 -13.70 -9.47
N THR C 101 -11.87 -14.19 -9.06
CA THR C 101 -13.11 -13.73 -9.66
C THR C 101 -13.36 -12.29 -9.22
N GLU C 102 -14.28 -11.62 -9.93
CA GLU C 102 -14.64 -10.25 -9.56
C GLU C 102 -15.17 -10.18 -8.14
N ALA C 103 -16.01 -11.13 -7.73
CA ALA C 103 -16.58 -11.08 -6.40
C ALA C 103 -15.53 -11.20 -5.30
N ASN C 104 -14.37 -11.81 -5.60
CA ASN C 104 -13.28 -11.95 -4.64
C ASN C 104 -12.13 -10.97 -4.84
N ALA C 105 -12.27 -10.04 -5.78
CA ALA C 105 -11.15 -9.16 -6.12
C ALA C 105 -10.79 -8.23 -4.97
N TRP C 106 -11.75 -7.92 -4.08
CA TRP C 106 -11.45 -7.02 -2.97
C TRP C 106 -10.32 -7.56 -2.09
N LYS C 107 -10.17 -8.87 -2.02
CA LYS C 107 -9.12 -9.51 -1.21
C LYS C 107 -8.00 -10.11 -2.07
N SER C 108 -7.78 -9.56 -3.26
CA SER C 108 -6.79 -10.09 -4.18
C SER C 108 -5.35 -9.69 -3.88
N THR C 109 -5.09 -8.64 -3.09
CA THR C 109 -3.77 -8.03 -3.06
C THR C 109 -3.23 -7.89 -1.63
N LEU C 110 -2.09 -8.53 -1.36
CA LEU C 110 -1.36 -8.38 -0.11
C LEU C 110 -0.27 -7.32 -0.27
N VAL C 111 0.09 -6.65 0.84
CA VAL C 111 1.13 -5.63 0.85
C VAL C 111 2.11 -5.89 1.99
N GLY C 112 3.38 -5.57 1.75
CA GLY C 112 4.38 -5.70 2.79
C GLY C 112 5.65 -4.96 2.42
N HIS C 113 6.71 -5.21 3.18
CA HIS C 113 8.00 -4.56 2.95
C HIS C 113 9.13 -5.56 3.17
N ASP C 114 10.09 -5.59 2.24
CA ASP C 114 11.25 -6.47 2.32
C ASP C 114 12.52 -5.62 2.26
N THR C 115 13.50 -5.95 3.10
CA THR C 115 14.82 -5.35 3.01
CA THR C 115 14.83 -5.36 3.05
C THR C 115 15.85 -6.42 2.66
N PHE C 116 16.70 -6.11 1.71
CA PHE C 116 17.67 -7.04 1.15
C PHE C 116 19.09 -6.61 1.48
N THR C 117 19.92 -7.58 1.87
CA THR C 117 21.35 -7.34 2.09
C THR C 117 22.16 -8.45 1.42
N LYS C 118 23.48 -8.28 1.43
CA LYS C 118 24.39 -9.25 0.83
C LYS C 118 24.66 -10.44 1.74
N VAL C 119 24.12 -10.45 2.96
CA VAL C 119 24.38 -11.50 3.94
C VAL C 119 23.07 -12.17 4.31
N LYS C 120 23.12 -13.49 4.51
CA LYS C 120 21.94 -14.23 4.94
C LYS C 120 21.53 -13.82 6.35
N PRO C 121 20.22 -13.72 6.64
CA PRO C 121 19.74 -13.28 7.96
C PRO C 121 19.96 -14.30 9.07
N ALA D 1 -4.54 -6.29 27.96
CA ALA D 1 -4.33 -6.01 26.54
C ALA D 1 -2.87 -5.67 26.22
N GLY D 2 -2.18 -5.02 27.15
CA GLY D 2 -0.78 -4.66 26.98
C GLY D 2 -0.51 -3.44 26.12
N ILE D 3 -1.55 -2.78 25.64
CA ILE D 3 -1.38 -1.69 24.67
C ILE D 3 -1.27 -0.33 25.35
N THR D 4 -2.02 -0.09 26.43
CA THR D 4 -1.99 1.21 27.09
C THR D 4 -0.57 1.56 27.53
N GLY D 5 -0.14 2.78 27.23
CA GLY D 5 1.16 3.28 27.61
C GLY D 5 1.78 4.08 26.50
N THR D 6 3.08 4.32 26.63
CA THR D 6 3.84 5.12 25.68
C THR D 6 4.67 4.21 24.78
N TRP D 7 4.64 4.48 23.49
CA TRP D 7 5.36 3.72 22.49
C TRP D 7 6.23 4.66 21.66
N TYR D 8 7.31 4.10 21.10
CA TYR D 8 8.30 4.86 20.34
C TYR D 8 8.61 4.13 19.05
N ASN D 9 8.61 4.85 17.92
CA ASN D 9 8.94 4.19 16.67
C ASN D 9 10.41 4.38 16.32
N GLN D 10 10.79 3.87 15.15
CA GLN D 10 12.18 3.83 14.72
C GLN D 10 12.72 5.19 14.32
N LEU D 11 11.87 6.19 14.18
CA LEU D 11 12.28 7.56 13.87
C LEU D 11 12.05 8.51 15.02
N GLY D 12 11.80 7.98 16.23
CA GLY D 12 11.67 8.80 17.41
C GLY D 12 10.25 9.23 17.76
N SER D 13 9.29 9.09 16.84
CA SER D 13 7.93 9.50 17.14
C SER D 13 7.42 8.79 18.39
N THR D 14 6.60 9.49 19.15
CA THR D 14 6.08 9.00 20.42
C THR D 14 4.56 8.93 20.36
N PHE D 15 4.03 7.75 20.73
N PHE D 15 4.00 7.74 20.57
CA PHE D 15 2.62 7.36 20.59
CA PHE D 15 2.56 7.59 20.56
C PHE D 15 2.13 7.13 22.02
C PHE D 15 2.06 7.15 21.91
N ILE D 16 1.25 8.00 22.52
CA ILE D 16 0.76 7.90 23.89
C ILE D 16 -0.70 7.46 23.82
N VAL D 17 -1.01 6.24 24.27
CA VAL D 17 -2.31 5.65 23.97
C VAL D 17 -2.94 5.01 25.20
N THR D 18 -4.28 5.09 25.25
CA THR D 18 -5.08 4.31 26.19
C THR D 18 -5.96 3.36 25.41
N ALA D 19 -5.92 2.07 25.77
CA ALA D 19 -6.76 1.05 25.16
C ALA D 19 -7.95 0.79 26.08
N GLY D 20 -9.12 1.30 25.68
CA GLY D 20 -10.30 1.16 26.51
C GLY D 20 -10.91 -0.23 26.46
N ALA D 21 -11.75 -0.51 27.47
CA ALA D 21 -12.25 -1.87 27.65
C ALA D 21 -13.08 -2.36 26.47
N ASP D 22 -13.71 -1.45 25.72
CA ASP D 22 -14.60 -1.84 24.65
C ASP D 22 -13.99 -1.67 23.25
N GLY D 23 -12.67 -1.47 23.17
CA GLY D 23 -11.99 -1.44 21.89
C GLY D 23 -11.52 -0.08 21.43
N ALA D 24 -11.68 0.96 22.24
CA ALA D 24 -11.26 2.30 21.84
C ALA D 24 -9.76 2.49 22.02
N LEU D 25 -9.15 3.18 21.05
CA LEU D 25 -7.82 3.76 21.22
C LEU D 25 -7.95 5.28 21.23
N THR D 26 -7.39 5.92 22.24
CA THR D 26 -7.35 7.38 22.33
C THR D 26 -5.98 7.81 22.83
N GLY D 27 -5.57 9.02 22.46
CA GLY D 27 -4.28 9.49 22.97
C GLY D 27 -3.72 10.62 22.11
N THR D 28 -2.39 10.72 22.13
CA THR D 28 -1.70 11.79 21.43
CA THR D 28 -1.66 11.81 21.49
C THR D 28 -0.47 11.23 20.73
N TYR D 29 -0.15 11.83 19.59
CA TYR D 29 1.02 11.46 18.80
C TYR D 29 1.92 12.67 18.74
N GLU D 30 3.21 12.49 18.99
CA GLU D 30 4.11 13.64 19.05
C GLU D 30 5.51 13.26 18.57
N SER D 31 6.37 14.25 18.47
CA SER D 31 7.74 13.99 18.09
C SER D 31 8.57 13.61 19.31
N ALA D 32 9.80 13.16 19.06
CA ALA D 32 10.72 12.85 20.16
C ALA D 32 10.90 14.04 21.08
N VAL D 33 10.90 15.25 20.52
CA VAL D 33 11.07 16.47 21.32
C VAL D 33 9.87 16.67 22.23
N GLY D 34 8.66 16.53 21.68
CA GLY D 34 7.46 16.65 22.47
C GLY D 34 6.91 18.04 22.66
N ASN D 35 7.43 19.03 21.93
CA ASN D 35 6.90 20.38 22.02
C ASN D 35 5.45 20.41 21.54
N ALA D 36 4.71 21.43 21.99
CA ALA D 36 3.27 21.47 21.76
C ALA D 36 2.94 21.51 20.27
N GLU D 37 3.77 22.20 19.47
CA GLU D 37 3.52 22.29 18.03
C GLU D 37 3.64 20.95 17.33
N SER D 38 4.17 19.94 18.01
CA SER D 38 4.38 18.61 17.47
C SER D 38 3.36 17.60 17.94
N ARG D 39 2.41 17.99 18.78
CA ARG D 39 1.46 17.06 19.38
C ARG D 39 0.12 17.12 18.67
N TYR D 40 -0.46 15.94 18.41
CA TYR D 40 -1.72 15.83 17.68
C TYR D 40 -2.61 14.77 18.32
N VAL D 41 -3.93 14.96 18.19
CA VAL D 41 -4.89 13.96 18.67
C VAL D 41 -4.83 12.71 17.82
N LEU D 42 -4.99 11.54 18.44
CA LEU D 42 -5.21 10.32 17.69
C LEU D 42 -6.40 9.56 18.24
N THR D 43 -7.07 8.83 17.35
CA THR D 43 -8.14 7.93 17.76
CA THR D 43 -8.17 7.94 17.73
C THR D 43 -8.13 6.71 16.85
N GLY D 44 -8.53 5.58 17.40
CA GLY D 44 -8.60 4.35 16.64
C GLY D 44 -9.34 3.26 17.38
N ARG D 45 -9.12 2.02 16.94
CA ARG D 45 -9.83 0.85 17.44
C ARG D 45 -8.87 -0.32 17.51
N TYR D 46 -9.12 -1.24 18.45
CA TYR D 46 -8.36 -2.48 18.51
C TYR D 46 -9.29 -3.63 18.86
N ASP D 47 -8.86 -4.86 18.57
CA ASP D 47 -9.60 -6.07 18.92
C ASP D 47 -9.46 -6.33 20.42
N SER D 48 -10.54 -6.11 21.17
CA SER D 48 -10.49 -6.25 22.62
C SER D 48 -10.69 -7.68 23.09
N ALA D 49 -10.86 -8.65 22.20
CA ALA D 49 -10.93 -10.07 22.57
C ALA D 49 -10.13 -10.88 21.54
N PRO D 50 -8.81 -10.72 21.54
CA PRO D 50 -7.99 -11.39 20.53
C PRO D 50 -7.99 -12.90 20.72
N ALA D 51 -7.50 -13.58 19.68
CA ALA D 51 -7.35 -15.03 19.74
C ALA D 51 -6.32 -15.41 20.81
N THR D 52 -6.40 -16.67 21.25
CA THR D 52 -5.54 -17.19 22.31
C THR D 52 -4.57 -18.25 21.79
N ASP D 53 -4.23 -18.18 20.51
CA ASP D 53 -3.39 -19.19 19.85
C ASP D 53 -1.98 -18.69 19.55
N GLY D 54 -1.59 -17.55 20.10
CA GLY D 54 -0.30 -16.97 19.80
C GLY D 54 -0.32 -15.87 18.76
N SER D 55 -1.47 -15.58 18.17
CA SER D 55 -1.60 -14.52 17.19
C SER D 55 -1.55 -13.15 17.85
N GLY D 56 -1.14 -12.15 17.07
CA GLY D 56 -1.15 -10.78 17.52
C GLY D 56 -2.55 -10.21 17.63
N THR D 57 -2.63 -8.97 18.13
CA THR D 57 -3.88 -8.25 18.33
C THR D 57 -4.01 -7.15 17.26
N ALA D 58 -5.02 -7.27 16.40
CA ALA D 58 -5.19 -6.30 15.33
C ALA D 58 -5.65 -4.94 15.87
N LEU D 59 -5.19 -3.86 15.23
CA LEU D 59 -5.50 -2.50 15.66
CA LEU D 59 -5.52 -2.51 15.67
C LEU D 59 -5.24 -1.54 14.53
N GLY D 60 -5.77 -0.33 14.68
CA GLY D 60 -5.44 0.77 13.78
C GLY D 60 -5.78 2.09 14.42
N TRP D 61 -5.17 3.16 13.91
CA TRP D 61 -5.49 4.50 14.40
C TRP D 61 -5.18 5.55 13.33
N THR D 62 -5.73 6.76 13.54
CA THR D 62 -5.58 7.89 12.63
C THR D 62 -5.09 9.12 13.39
N VAL D 63 -4.21 9.89 12.74
CA VAL D 63 -3.83 11.24 13.16
C VAL D 63 -4.09 12.16 11.96
N ALA D 64 -4.90 13.20 12.14
CA ALA D 64 -4.94 14.30 11.19
C ALA D 64 -3.92 15.34 11.63
N TRP D 65 -3.11 15.81 10.67
CA TRP D 65 -1.97 16.67 11.00
C TRP D 65 -2.37 18.13 11.16
N LYS D 66 -3.37 18.37 12.00
CA LYS D 66 -3.81 19.69 12.40
C LYS D 66 -3.81 19.75 13.93
N ASN D 67 -3.23 20.81 14.48
CA ASN D 67 -3.35 21.11 15.91
C ASN D 67 -3.58 22.61 16.04
N ASN D 68 -3.49 23.13 17.27
CA ASN D 68 -3.73 24.56 17.47
C ASN D 68 -2.63 25.45 16.90
N TYR D 69 -1.54 24.86 16.38
CA TYR D 69 -0.38 25.62 15.95
C TYR D 69 -0.07 25.52 14.47
N ARG D 70 -0.54 24.48 13.77
CA ARG D 70 -0.21 24.28 12.36
CA ARG D 70 -0.25 24.32 12.35
C ARG D 70 -1.25 23.33 11.76
N ASN D 71 -1.24 23.26 10.42
CA ASN D 71 -2.17 22.39 9.72
C ASN D 71 -1.55 22.03 8.37
N ALA D 72 -1.14 20.77 8.23
CA ALA D 72 -0.53 20.28 6.99
C ALA D 72 -1.56 19.73 6.01
N HIS D 73 -2.85 19.80 6.32
CA HIS D 73 -3.91 19.36 5.43
C HIS D 73 -3.67 17.93 4.96
N SER D 74 -3.48 17.03 5.92
CA SER D 74 -3.18 15.62 5.61
C SER D 74 -3.52 14.79 6.83
N ALA D 75 -3.53 13.46 6.65
CA ALA D 75 -3.82 12.53 7.72
C ALA D 75 -3.11 11.21 7.45
N THR D 76 -2.64 10.56 8.52
CA THR D 76 -2.03 9.24 8.44
C THR D 76 -2.90 8.22 9.18
N THR D 77 -3.07 7.03 8.58
CA THR D 77 -3.62 5.88 9.27
C THR D 77 -2.55 4.79 9.40
N TRP D 78 -2.45 4.20 10.59
CA TRP D 78 -1.58 3.05 10.84
C TRP D 78 -2.46 1.82 11.04
N SER D 79 -2.13 0.73 10.34
CA SER D 79 -2.84 -0.55 10.43
C SER D 79 -1.83 -1.61 10.82
N GLY D 80 -2.11 -2.39 11.86
CA GLY D 80 -1.11 -3.35 12.28
C GLY D 80 -1.57 -4.30 13.35
N GLN D 81 -0.59 -4.85 14.07
CA GLN D 81 -0.88 -5.75 15.18
C GLN D 81 0.10 -5.55 16.33
N TYR D 82 -0.42 -5.69 17.55
CA TYR D 82 0.36 -5.70 18.77
C TYR D 82 0.80 -7.13 19.08
N VAL D 83 2.07 -7.27 19.45
CA VAL D 83 2.65 -8.55 19.83
C VAL D 83 3.24 -8.39 21.22
N GLY D 84 2.73 -9.16 22.18
CA GLY D 84 3.13 -8.99 23.57
C GLY D 84 4.45 -9.66 23.92
N GLY D 85 4.78 -9.59 25.20
CA GLY D 85 5.97 -10.21 25.75
C GLY D 85 6.92 -9.18 26.35
N ALA D 86 8.07 -9.68 26.81
CA ALA D 86 9.10 -8.81 27.36
C ALA D 86 9.66 -7.86 26.32
N GLU D 87 9.56 -8.22 25.03
CA GLU D 87 10.00 -7.37 23.94
C GLU D 87 8.78 -6.99 23.11
N ALA D 88 7.79 -6.37 23.75
CA ALA D 88 6.53 -6.08 23.09
C ALA D 88 6.73 -5.14 21.91
N ARG D 89 5.88 -5.30 20.89
CA ARG D 89 6.01 -4.54 19.65
C ARG D 89 4.61 -4.23 19.10
N ILE D 90 4.51 -3.10 18.42
CA ILE D 90 3.37 -2.85 17.53
C ILE D 90 3.94 -2.70 16.13
N ASN D 91 3.59 -3.61 15.24
CA ASN D 91 4.11 -3.64 13.88
C ASN D 91 3.05 -3.12 12.92
N THR D 92 3.37 -2.06 12.17
CA THR D 92 2.36 -1.35 11.37
C THR D 92 2.83 -1.06 9.95
N GLN D 93 1.83 -0.88 9.09
CA GLN D 93 1.98 -0.24 7.80
C GLN D 93 1.05 0.97 7.82
N TRP D 94 1.45 2.05 7.13
CA TRP D 94 0.70 3.29 7.20
C TRP D 94 0.46 3.89 5.81
N LEU D 95 -0.58 4.74 5.75
CA LEU D 95 -0.95 5.51 4.58
C LEU D 95 -1.12 6.97 4.99
N LEU D 96 -0.46 7.88 4.28
CA LEU D 96 -0.53 9.31 4.56
CA LEU D 96 -0.53 9.30 4.56
C LEU D 96 -1.13 9.99 3.34
N THR D 97 -2.38 10.46 3.46
CA THR D 97 -3.08 11.12 2.37
C THR D 97 -3.14 12.62 2.63
N SER D 98 -2.73 13.41 1.64
CA SER D 98 -2.86 14.85 1.68
C SER D 98 -4.08 15.29 0.88
N GLY D 99 -4.73 16.35 1.32
CA GLY D 99 -5.75 16.96 0.48
C GLY D 99 -5.12 17.56 -0.75
N THR D 100 -5.69 17.26 -1.93
CA THR D 100 -5.16 17.71 -3.21
C THR D 100 -6.31 18.13 -4.11
N THR D 101 -5.97 18.82 -5.20
CA THR D 101 -6.92 18.96 -6.30
C THR D 101 -7.05 17.62 -7.02
N GLU D 102 -8.09 17.52 -7.86
CA GLU D 102 -8.28 16.28 -8.60
C GLU D 102 -7.11 16.00 -9.53
N ALA D 103 -6.55 17.05 -10.15
CA ALA D 103 -5.42 16.86 -11.05
C ALA D 103 -4.18 16.32 -10.34
N ASN D 104 -4.06 16.56 -9.03
CA ASN D 104 -2.91 16.09 -8.26
C ASN D 104 -3.24 14.87 -7.40
N ALA D 105 -4.43 14.31 -7.53
CA ALA D 105 -4.84 13.25 -6.61
C ALA D 105 -4.03 11.98 -6.80
N TRP D 106 -3.48 11.77 -8.00
CA TRP D 106 -2.70 10.56 -8.26
C TRP D 106 -1.51 10.45 -7.31
N LYS D 107 -0.97 11.57 -6.85
CA LYS D 107 0.18 11.60 -5.95
CA LYS D 107 0.17 11.56 -5.94
C LYS D 107 -0.20 12.06 -4.54
N SER D 108 -1.44 11.82 -4.12
CA SER D 108 -1.93 12.23 -2.81
C SER D 108 -1.48 11.34 -1.66
N THR D 109 -1.04 10.10 -1.90
CA THR D 109 -0.94 9.10 -0.83
C THR D 109 0.44 8.45 -0.77
N LEU D 110 1.11 8.61 0.38
CA LEU D 110 2.36 7.92 0.68
C LEU D 110 2.08 6.65 1.49
N VAL D 111 2.95 5.65 1.34
CA VAL D 111 2.86 4.40 2.08
C VAL D 111 4.20 4.11 2.75
N GLY D 112 4.15 3.53 3.95
CA GLY D 112 5.36 3.15 4.65
C GLY D 112 5.05 2.17 5.77
N HIS D 113 6.04 1.99 6.65
CA HIS D 113 5.91 1.04 7.74
C HIS D 113 6.67 1.55 8.96
N ASP D 114 6.08 1.36 10.15
CA ASP D 114 6.68 1.75 11.43
C ASP D 114 6.59 0.59 12.41
N THR D 115 7.64 0.41 13.20
CA THR D 115 7.64 -0.54 14.31
CA THR D 115 7.62 -0.53 14.31
C THR D 115 7.79 0.24 15.61
N PHE D 116 6.93 -0.06 16.59
CA PHE D 116 6.93 0.64 17.87
C PHE D 116 7.35 -0.30 18.99
N THR D 117 8.13 0.26 19.93
CA THR D 117 8.57 -0.46 21.12
CA THR D 117 8.59 -0.45 21.11
C THR D 117 8.27 0.39 22.34
N LYS D 118 8.32 -0.24 23.53
CA LYS D 118 8.08 0.48 24.78
C LYS D 118 9.32 1.22 25.29
N VAL D 119 10.47 1.05 24.65
CA VAL D 119 11.75 1.64 25.04
C VAL D 119 12.18 2.62 23.96
N LYS D 120 12.69 3.78 24.38
CA LYS D 120 13.17 4.78 23.40
C LYS D 120 14.19 4.23 22.40
S DMS E . -13.05 -7.94 7.17
O DMS E . -12.64 -9.11 6.31
C1 DMS E . -14.39 -8.52 8.23
C2 DMS E . -13.92 -6.78 6.10
S DMS F . -11.64 -3.62 3.69
O DMS F . -12.32 -3.79 5.01
C1 DMS F . -12.27 -2.11 2.94
C2 DMS F . -12.36 -4.84 2.57
C1 A1LXQ G . 7.15 10.99 -13.69
C10 A1LXQ G . 2.93 6.75 -12.17
C11 A1LXQ G . 1.37 6.31 -13.93
C12 A1LXQ G . 1.10 5.21 -11.73
C13 A1LXQ G . 2.33 5.96 -11.14
C14 A1LXQ G . 7.63 11.08 -11.41
C15 A1LXQ G . 8.68 10.71 -9.55
C16 A1LXQ G . 6.85 11.06 -16.03
C17 A1LXQ G . 7.42 13.28 -16.27
C2 A1LXQ G . 6.46 10.54 -14.80
C3 A1LXQ G . 5.44 9.61 -14.63
C4 A1LXQ G . 5.12 9.14 -13.35
C5 A1LXQ G . 5.84 9.60 -12.24
C6 A1LXQ G . 6.85 10.54 -12.43
C7 A1LXQ G . 4.23 8.15 -13.20
C8 A1LXQ G . 3.29 7.79 -14.07
C9 A1LXQ G . 2.46 6.93 -13.45
N1 A1LXQ G . 0.60 5.55 -13.07
O1 A1LXQ G . 4.02 7.54 -12.06
O2 A1LXQ G . 0.96 6.47 -15.08
O3 A1LXQ G . 8.50 11.90 -11.70
O4 A1LXQ G . 7.38 10.67 -10.15
O5 A1LXQ G . 6.30 10.73 -17.08
O6 A1LXQ G . 7.87 11.96 -15.96
S DMS H . 3.64 -16.12 -3.23
O DMS H . 2.71 -16.30 -2.07
C1 DMS H . 3.89 -17.73 -4.01
C2 DMS H . 5.31 -15.84 -2.58
S DMS I . 5.88 -11.35 -1.43
O DMS I . 6.10 -12.28 -2.59
C1 DMS I . 7.45 -10.54 -1.04
C2 DMS I . 5.78 -12.34 0.07
C1 A1LXQ J . 3.99 16.29 10.91
C1 A1LXQ J . 3.94 16.38 10.76
C10 A1LXQ J . 4.36 10.19 10.09
C10 A1LXQ J . 5.10 10.29 11.11
C11 A1LXQ J . 5.24 8.82 11.76
C11 A1LXQ J . 4.14 9.14 9.30
C12 A1LXQ J . 4.31 7.74 9.69
C12 A1LXQ J . 5.45 7.86 10.97
C13 A1LXQ J . 4.00 9.16 9.23
C13 A1LXQ J . 5.68 9.17 11.70
C14 A1LXQ J . 5.05 16.47 13.07
C14 A1LXQ J . 2.83 16.23 8.64
C15 A1LXQ J . 6.32 16.70 14.88
C15 A1LXQ J . 2.47 16.05 6.36
C16 A1LXQ J . 2.94 16.12 8.75
C16 A1LXQ J . 5.04 16.52 12.89
C17 A1LXQ J . 2.38 16.00 6.52
C17 A1LXQ J . 6.25 16.72 14.78
C2 A1LXQ J . 3.61 15.52 9.81
C2 A1LXQ J . 4.59 15.76 11.82
C3 A1LXQ J . 3.95 14.16 9.79
C3 A1LXQ J . 4.81 14.38 11.79
C4 A1LXQ J . 4.61 13.53 10.86
C4 A1LXQ J . 4.37 13.62 10.71
C5 A1LXQ J . 4.98 14.34 11.95
C5 A1LXQ J . 3.70 14.25 9.66
C6 A1LXQ J . 4.67 15.70 11.97
C6 A1LXQ J . 3.49 15.62 9.69
C7 A1LXQ J . 4.61 12.19 10.89
C7 A1LXQ J . 4.48 12.29 10.69
C8 A1LXQ J . 5.10 11.31 11.80
C8 A1LXQ J . 4.00 11.52 9.73
C9 A1LXQ J . 4.94 10.06 11.30
C9 A1LXQ J . 4.39 10.27 9.98
N1 A1LXQ J . 4.97 7.69 11.01
N1 A1LXQ J . 4.64 7.94 9.74
O1 A1LXQ J . 4.16 11.51 9.87
O1 A1LXQ J . 5.15 11.60 11.55
O2 A1LXQ J . 5.78 8.63 12.86
O2 A1LXQ J . 3.48 9.13 8.26
O3 A1LXQ J . 4.80 17.67 13.17
O3 A1LXQ J . 2.63 17.44 8.64
O4 A1LXQ J . 5.70 15.77 14.01
O4 A1LXQ J . 2.44 15.40 7.64
O5 A1LXQ J . 2.65 17.32 8.76
O5 A1LXQ J . 4.86 17.75 12.94
O6 A1LXQ J . 2.61 15.28 7.72
O6 A1LXQ J . 5.67 15.82 13.86
#